data_7STV
#
_entry.id   7STV
#
_cell.length_a   82.728
_cell.length_b   82.728
_cell.length_c   115.292
_cell.angle_alpha   90.000
_cell.angle_beta   90.000
_cell.angle_gamma   120.000
#
_symmetry.space_group_name_H-M   'P 32 2 1'
#
loop_
_entity.id
_entity.type
_entity.pdbx_description
1 polymer N-acetylgalactosamine-6-sulfatase
2 non-polymer 'CITRIC ACID'
3 non-polymer 'SODIUM ION'
4 non-polymer 'CHLORIDE ION'
5 non-polymer 'CALCIUM ION'
6 water water
#
_entity_poly.entity_id   1
_entity_poly.type   'polypeptide(L)'
_entity_poly.pdbx_seq_one_letter_code
;MQGSRKPNIIFIMADDLGWGELGSYGNTFNETPNLDRLSAQGMRFTQAYAAAPV(DDZ)SPTRASIMTGQYPARVGITDF
LPEDEKTDRWLDPTKYVTLNEALSASGYHTGIVGKWHLDTDFKLNKGGPKAHGFNEVIGTESEYIADGDYFFPYSKIASF
DKGTANEYLTDRQCAEANAFITRNREKPFFLYLSLYSVHTRLEAPVQLVEKYKQKFDQKYGTGKAEQFFGANNVRHESAQ
RDNPWLAAMLESIDTGVGGIMKTLRETGLAENTIIVFFSDNGGAGKAGNNAHLRAGKTWLYEGGIREPLIVSWPGKIKGN
TVNDNPVTSLDFYPTFLAAAGGKPTGGRLDGHNLMPLLRGGRASGRPLFWHYPSETGKWVNRMSSAVREGNYKLLEFYNN
PRLELYDLQNDPSESHNLATDRPAETARLKKLLEDWKKEVNAEAPHLARKEKKKPGSHHHHHH
;
_entity_poly.pdbx_strand_id   A
#
loop_
_chem_comp.id
_chem_comp.type
_chem_comp.name
_chem_comp.formula
CA non-polymer 'CALCIUM ION' 'Ca 2'
CIT non-polymer 'CITRIC ACID' 'C6 H8 O7'
CL non-polymer 'CHLORIDE ION' 'Cl -1'
NA non-polymer 'SODIUM ION' 'Na 1'
#
# COMPACT_ATOMS: atom_id res chain seq x y z
N ARG A 5 5.85 24.29 13.84
CA ARG A 5 7.04 23.43 14.16
C ARG A 5 6.72 21.96 13.85
N LYS A 6 5.53 21.47 14.21
CA LYS A 6 5.11 20.08 13.93
C LYS A 6 4.95 19.90 12.42
N PRO A 7 5.64 18.89 11.82
CA PRO A 7 5.63 18.74 10.37
C PRO A 7 4.27 18.28 9.85
N ASN A 8 3.91 18.71 8.65
CA ASN A 8 2.77 18.13 7.91
C ASN A 8 3.17 16.72 7.48
N ILE A 9 2.19 15.80 7.46
CA ILE A 9 2.37 14.38 7.04
C ILE A 9 1.38 14.10 5.90
N ILE A 10 1.90 13.76 4.73
CA ILE A 10 1.11 13.38 3.52
C ILE A 10 1.48 11.93 3.16
N PHE A 11 0.53 11.02 3.38
CA PHE A 11 0.66 9.57 3.16
C PHE A 11 -0.10 9.22 1.89
N ILE A 12 0.65 8.97 0.82
CA ILE A 12 0.12 8.68 -0.55
C ILE A 12 0.22 7.18 -0.78
N MET A 13 -0.92 6.48 -0.77
CA MET A 13 -0.95 5.00 -0.97
C MET A 13 -1.70 4.66 -2.26
N ALA A 14 -0.98 4.04 -3.18
CA ALA A 14 -1.52 3.40 -4.39
C ALA A 14 -2.16 2.07 -3.98
N ASP A 15 -3.02 1.56 -4.86
CA ASP A 15 -3.81 0.32 -4.65
C ASP A 15 -3.24 -0.70 -5.63
N ASP A 16 -2.74 -1.84 -5.13
CA ASP A 16 -2.29 -2.98 -5.97
C ASP A 16 -1.09 -2.56 -6.83
N LEU A 17 -0.31 -1.55 -6.41
CA LEU A 17 0.87 -1.13 -7.18
C LEU A 17 2.08 -1.99 -6.77
N GLY A 18 2.64 -2.70 -7.76
CA GLY A 18 3.67 -3.74 -7.56
C GLY A 18 5.04 -3.13 -7.30
N TRP A 19 5.96 -3.94 -6.76
CA TRP A 19 7.34 -3.51 -6.41
C TRP A 19 8.10 -3.10 -7.67
N GLY A 20 7.77 -3.69 -8.84
CA GLY A 20 8.54 -3.54 -10.09
C GLY A 20 8.05 -2.41 -10.98
N GLU A 21 7.15 -1.54 -10.50
CA GLU A 21 6.41 -0.59 -11.39
C GLU A 21 7.14 0.76 -11.54
N LEU A 22 7.75 1.30 -10.49
CA LEU A 22 8.32 2.69 -10.48
C LEU A 22 9.68 2.75 -11.22
N GLY A 23 9.97 3.88 -11.88
CA GLY A 23 11.28 4.18 -12.47
C GLY A 23 12.41 3.96 -11.48
N SER A 24 12.33 4.59 -10.31
CA SER A 24 13.30 4.43 -9.19
C SER A 24 13.45 2.96 -8.77
N TYR A 25 12.51 2.06 -9.10
CA TYR A 25 12.58 0.61 -8.75
C TYR A 25 12.97 -0.26 -9.96
N GLY A 26 13.44 0.32 -11.07
CA GLY A 26 14.07 -0.40 -12.19
C GLY A 26 13.24 -0.44 -13.46
N ASN A 27 12.05 0.17 -13.47
CA ASN A 27 11.10 0.05 -14.60
C ASN A 27 11.53 1.05 -15.69
N THR A 28 11.77 0.56 -16.91
CA THR A 28 12.21 1.37 -18.08
C THR A 28 11.04 1.66 -19.01
N PHE A 29 9.88 1.04 -18.77
CA PHE A 29 8.67 1.20 -19.63
C PHE A 29 7.77 2.31 -19.05
N ASN A 30 7.33 2.14 -17.80
CA ASN A 30 6.48 3.16 -17.12
C ASN A 30 7.31 4.43 -16.97
N GLU A 31 6.64 5.59 -16.92
CA GLU A 31 7.29 6.91 -16.67
C GLU A 31 6.79 7.49 -15.35
N THR A 32 7.69 7.63 -14.38
CA THR A 32 7.39 8.16 -13.02
C THR A 32 8.39 9.25 -12.65
N PRO A 33 8.58 10.30 -13.50
CA PRO A 33 9.59 11.33 -13.25
C PRO A 33 9.49 11.99 -11.86
N ASN A 34 8.28 12.39 -11.46
CA ASN A 34 7.98 13.11 -10.20
C ASN A 34 8.27 12.21 -8.99
N LEU A 35 8.01 10.91 -9.12
CA LEU A 35 8.25 9.90 -8.05
C LEU A 35 9.74 9.58 -7.99
N ASP A 36 10.38 9.55 -9.16
CA ASP A 36 11.86 9.47 -9.28
C ASP A 36 12.46 10.71 -8.61
N ARG A 37 11.89 11.89 -8.86
CA ARG A 37 12.38 13.14 -8.24
C ARG A 37 12.19 13.05 -6.73
N LEU A 38 11.06 12.48 -6.29
CA LEU A 38 10.78 12.33 -4.83
C LEU A 38 11.80 11.36 -4.25
N SER A 39 12.14 10.33 -5.03
CA SER A 39 13.19 9.33 -4.69
C SER A 39 14.56 10.01 -4.51
N ALA A 40 14.89 10.97 -5.38
CA ALA A 40 16.19 11.69 -5.36
C ALA A 40 16.20 12.74 -4.24
N GLN A 41 15.03 13.07 -3.67
CA GLN A 41 14.89 14.06 -2.58
C GLN A 41 14.68 13.36 -1.23
N GLY A 42 14.69 12.02 -1.21
CA GLY A 42 14.25 11.26 -0.03
C GLY A 42 15.05 10.00 0.17
N MET A 43 14.45 9.06 0.91
CA MET A 43 15.00 7.70 1.15
C MET A 43 14.08 6.66 0.50
N ARG A 44 14.63 5.87 -0.41
CA ARG A 44 13.92 4.75 -1.10
C ARG A 44 14.25 3.44 -0.36
N PHE A 45 13.24 2.67 0.05
CA PHE A 45 13.41 1.36 0.75
C PHE A 45 13.22 0.23 -0.28
N THR A 46 14.15 -0.72 -0.29
CA THR A 46 14.14 -1.87 -1.25
C THR A 46 13.48 -3.10 -0.62
N GLN A 47 13.30 -3.10 0.69
CA GLN A 47 12.66 -4.22 1.43
C GLN A 47 11.63 -3.64 2.39
N ALA A 48 10.73 -2.82 1.86
CA ALA A 48 9.57 -2.28 2.59
C ALA A 48 8.38 -3.23 2.35
N TYR A 49 7.58 -3.48 3.37
CA TYR A 49 6.55 -4.53 3.27
C TYR A 49 5.20 -3.97 3.68
N ALA A 50 4.16 -4.46 3.01
CA ALA A 50 2.78 -4.38 3.53
C ALA A 50 2.64 -5.48 4.57
N ALA A 51 1.95 -5.22 5.68
CA ALA A 51 1.77 -6.18 6.80
C ALA A 51 0.80 -7.31 6.39
N ALA A 52 0.30 -7.28 5.15
CA ALA A 52 -0.69 -8.25 4.62
C ALA A 52 -0.63 -8.25 3.10
N PRO A 53 -1.09 -9.34 2.43
CA PRO A 53 -1.02 -9.43 0.98
C PRO A 53 -2.22 -8.85 0.21
N VAL A 54 -3.11 -8.09 0.87
CA VAL A 54 -4.40 -7.64 0.26
C VAL A 54 -4.94 -6.38 0.96
N DDZ A 55 -5.84 -5.66 0.27
CA DDZ A 55 -6.28 -4.31 0.59
C DDZ A 55 -6.60 -4.10 2.07
O DDZ A 55 -5.78 -3.54 2.81
OG1 DDZ A 55 -7.15 -4.23 -1.62
OG2 DDZ A 55 -8.02 -2.73 -0.09
CB DDZ A 55 -7.51 -4.03 -0.28
N SER A 56 -7.82 -4.49 2.48
CA SER A 56 -8.35 -4.20 3.81
C SER A 56 -7.32 -4.52 4.90
N PRO A 57 -6.69 -5.72 4.91
CA PRO A 57 -5.80 -6.07 6.01
C PRO A 57 -4.61 -5.09 6.10
N THR A 58 -3.95 -4.79 4.98
CA THR A 58 -2.83 -3.82 5.01
C THR A 58 -3.35 -2.46 5.50
N ARG A 59 -4.51 -2.00 5.03
CA ARG A 59 -5.03 -0.66 5.41
C ARG A 59 -5.33 -0.64 6.92
N ALA A 60 -5.74 -1.77 7.49
CA ALA A 60 -5.99 -1.87 8.94
C ALA A 60 -4.68 -1.73 9.71
N SER A 61 -3.60 -2.32 9.20
CA SER A 61 -2.27 -2.27 9.86
C SER A 61 -1.85 -0.79 10.01
N ILE A 62 -2.09 0.01 8.99
CA ILE A 62 -1.70 1.44 8.94
C ILE A 62 -2.50 2.21 10.00
N MET A 63 -3.82 2.07 10.00
CA MET A 63 -4.71 2.94 10.80
C MET A 63 -4.64 2.50 12.26
N THR A 64 -4.39 1.21 12.49
CA THR A 64 -4.32 0.62 13.87
C THR A 64 -2.87 0.53 14.36
N GLY A 65 -1.90 0.34 13.45
CA GLY A 65 -0.52 0.00 13.83
C GLY A 65 -0.47 -1.31 14.60
N GLN A 66 -1.42 -2.20 14.35
CA GLN A 66 -1.45 -3.55 14.97
C GLN A 66 -1.44 -4.61 13.87
N TYR A 67 -0.84 -5.75 14.17
CA TYR A 67 -0.83 -6.93 13.25
C TYR A 67 -2.26 -7.17 12.78
N PRO A 68 -2.52 -7.22 11.46
CA PRO A 68 -3.82 -7.69 10.96
C PRO A 68 -4.34 -8.94 11.67
N ALA A 69 -3.45 -9.90 11.95
CA ALA A 69 -3.76 -11.17 12.65
C ALA A 69 -4.39 -10.85 14.01
N ARG A 70 -3.89 -9.83 14.72
CA ARG A 70 -4.42 -9.46 16.06
C ARG A 70 -5.79 -8.82 15.90
N VAL A 71 -5.92 -7.91 14.94
CA VAL A 71 -7.17 -7.16 14.66
C VAL A 71 -8.28 -8.13 14.26
N GLY A 72 -7.93 -9.18 13.53
CA GLY A 72 -8.90 -10.21 13.09
C GLY A 72 -9.41 -9.90 11.70
N ILE A 73 -8.72 -9.01 10.98
CA ILE A 73 -8.95 -8.75 9.54
C ILE A 73 -7.65 -9.06 8.80
N THR A 74 -7.54 -10.28 8.27
CA THR A 74 -6.33 -10.76 7.56
C THR A 74 -6.60 -10.85 6.05
N ASP A 75 -7.85 -10.61 5.61
CA ASP A 75 -8.23 -10.65 4.18
C ASP A 75 -9.18 -9.50 3.86
N PHE A 76 -9.34 -9.20 2.57
CA PHE A 76 -10.16 -8.07 2.09
C PHE A 76 -11.58 -8.22 2.65
N LEU A 77 -12.21 -7.08 2.95
CA LEU A 77 -13.65 -7.02 3.32
C LEU A 77 -14.45 -7.11 2.04
N PRO A 78 -15.28 -8.17 1.88
CA PRO A 78 -16.12 -8.33 0.70
C PRO A 78 -17.37 -7.45 0.88
N GLU A 79 -18.37 -7.63 0.02
CA GLU A 79 -19.66 -6.90 0.14
C GLU A 79 -20.27 -7.16 1.52
N ASP A 80 -21.11 -6.23 1.99
CA ASP A 80 -21.78 -6.24 3.32
C ASP A 80 -22.31 -7.65 3.63
N GLU A 81 -23.05 -8.26 2.71
CA GLU A 81 -23.78 -9.55 2.94
C GLU A 81 -22.77 -10.69 3.21
N LYS A 82 -21.51 -10.52 2.82
CA LYS A 82 -20.53 -11.63 2.90
C LYS A 82 -19.61 -11.47 4.11
N THR A 83 -19.92 -10.57 5.04
CA THR A 83 -18.98 -10.35 6.17
C THR A 83 -19.70 -9.76 7.38
N ASP A 84 -19.26 -10.19 8.57
CA ASP A 84 -19.60 -9.58 9.88
C ASP A 84 -18.41 -8.75 10.39
N ARG A 85 -17.36 -8.59 9.58
CA ARG A 85 -16.12 -7.88 9.98
C ARG A 85 -16.14 -6.43 9.46
N TRP A 86 -15.59 -5.55 10.27
CA TRP A 86 -15.43 -4.10 9.99
C TRP A 86 -14.43 -3.55 11.01
N LEU A 87 -13.82 -2.39 10.77
CA LEU A 87 -12.90 -1.80 11.80
C LEU A 87 -13.77 -0.95 12.74
N ASP A 88 -13.81 -1.32 14.01
CA ASP A 88 -14.73 -0.69 15.00
C ASP A 88 -14.02 0.51 15.64
N PRO A 89 -14.52 1.75 15.44
CA PRO A 89 -13.93 2.93 16.06
C PRO A 89 -13.83 2.89 17.59
N THR A 90 -14.60 2.02 18.25
CA THR A 90 -14.59 1.94 19.74
C THR A 90 -13.52 0.93 20.20
N LYS A 91 -12.76 0.35 19.28
CA LYS A 91 -11.80 -0.75 19.59
C LYS A 91 -10.36 -0.31 19.42
N TYR A 92 -10.13 0.84 18.77
CA TYR A 92 -8.79 1.28 18.33
C TYR A 92 -8.73 2.80 18.32
N VAL A 93 -7.67 3.35 18.91
CA VAL A 93 -7.26 4.75 18.69
C VAL A 93 -6.54 4.78 17.34
N THR A 94 -7.22 5.25 16.29
CA THR A 94 -6.67 5.17 14.90
C THR A 94 -5.63 6.26 14.70
N LEU A 95 -4.85 6.12 13.63
CA LEU A 95 -3.69 6.98 13.33
C LEU A 95 -4.15 8.45 13.28
N ASN A 96 -5.22 8.74 12.53
CA ASN A 96 -5.81 10.09 12.36
C ASN A 96 -6.14 10.68 13.73
N GLU A 97 -6.64 9.85 14.64
CA GLU A 97 -7.12 10.27 15.98
C GLU A 97 -5.92 10.60 16.87
N ALA A 98 -4.83 9.83 16.75
CA ALA A 98 -3.59 10.01 17.53
C ALA A 98 -2.94 11.32 17.11
N LEU A 99 -3.02 11.67 15.81
CA LEU A 99 -2.41 12.91 15.27
C LEU A 99 -3.28 14.13 15.60
N SER A 100 -4.60 13.94 15.71
CA SER A 100 -5.58 14.95 16.22
C SER A 100 -5.18 15.36 17.65
N ALA A 101 -4.94 14.35 18.50
CA ALA A 101 -4.48 14.49 19.89
C ALA A 101 -3.08 15.14 19.96
N SER A 102 -2.39 15.26 18.82
CA SER A 102 -1.09 15.95 18.67
C SER A 102 -1.26 17.32 17.99
N GLY A 103 -2.50 17.76 17.73
CA GLY A 103 -2.77 19.11 17.20
C GLY A 103 -2.86 19.16 15.68
N TYR A 104 -3.06 18.03 15.01
CA TYR A 104 -3.20 17.97 13.53
C TYR A 104 -4.67 18.05 13.14
N HIS A 105 -4.94 18.76 12.05
CA HIS A 105 -6.15 18.63 11.21
C HIS A 105 -5.98 17.40 10.33
N THR A 106 -6.93 16.47 10.37
CA THR A 106 -6.85 15.17 9.64
C THR A 106 -7.79 15.18 8.43
N GLY A 107 -7.40 14.51 7.34
CA GLY A 107 -8.18 14.39 6.11
C GLY A 107 -7.89 13.09 5.39
N ILE A 108 -8.91 12.48 4.80
CA ILE A 108 -8.75 11.31 3.88
C ILE A 108 -9.36 11.70 2.55
N VAL A 109 -8.61 11.45 1.48
CA VAL A 109 -9.12 11.50 0.08
C VAL A 109 -9.11 10.07 -0.46
N GLY A 110 -10.28 9.42 -0.50
CA GLY A 110 -10.45 8.19 -1.27
C GLY A 110 -10.69 6.96 -0.42
N LYS A 111 -10.08 5.84 -0.83
CA LYS A 111 -10.53 4.46 -0.51
C LYS A 111 -10.31 4.16 0.99
N TRP A 112 -11.37 3.68 1.66
CA TRP A 112 -11.35 3.20 3.07
C TRP A 112 -11.12 1.69 3.10
N HIS A 113 -12.12 0.92 2.66
CA HIS A 113 -12.12 -0.56 2.62
C HIS A 113 -11.88 -1.12 4.02
N LEU A 114 -12.37 -0.43 5.05
CA LEU A 114 -12.31 -0.90 6.47
C LEU A 114 -13.72 -1.05 7.07
N ASP A 115 -14.74 -0.79 6.26
CA ASP A 115 -16.16 -1.12 6.54
C ASP A 115 -16.86 -1.26 5.18
N THR A 116 -17.59 -2.35 4.96
CA THR A 116 -18.36 -2.54 3.70
C THR A 116 -19.87 -2.51 3.96
N ASP A 117 -20.29 -2.24 5.21
CA ASP A 117 -21.70 -1.89 5.53
C ASP A 117 -21.92 -0.41 5.22
N PHE A 118 -22.47 -0.12 4.04
CA PHE A 118 -22.81 1.25 3.56
C PHE A 118 -24.24 1.62 3.97
N LYS A 119 -24.98 0.72 4.62
CA LYS A 119 -26.34 1.04 5.10
C LYS A 119 -26.18 1.95 6.33
N LEU A 120 -25.43 1.47 7.32
CA LEU A 120 -25.12 2.18 8.58
C LEU A 120 -23.77 2.92 8.46
N ASN A 121 -22.73 2.19 8.05
CA ASN A 121 -21.33 2.68 7.86
C ASN A 121 -20.78 3.14 9.21
N LYS A 122 -20.93 2.29 10.24
CA LYS A 122 -20.50 2.56 11.63
C LYS A 122 -18.97 2.47 11.72
N GLY A 123 -18.31 1.93 10.68
CA GLY A 123 -16.85 1.80 10.63
C GLY A 123 -16.24 2.63 9.52
N GLY A 124 -16.97 3.62 9.02
CA GLY A 124 -16.51 4.50 7.93
C GLY A 124 -15.47 5.49 8.42
N PRO A 125 -14.74 6.16 7.50
CA PRO A 125 -13.66 7.08 7.86
C PRO A 125 -14.14 8.21 8.79
N LYS A 126 -15.37 8.69 8.60
CA LYS A 126 -15.94 9.77 9.43
C LYS A 126 -16.14 9.25 10.86
N ALA A 127 -16.71 8.05 11.00
CA ALA A 127 -16.92 7.40 12.31
C ALA A 127 -15.59 7.18 13.01
N HIS A 128 -14.49 7.12 12.24
CA HIS A 128 -13.14 6.89 12.79
C HIS A 128 -12.46 8.22 13.18
N GLY A 129 -13.11 9.37 12.92
CA GLY A 129 -12.65 10.67 13.44
C GLY A 129 -12.09 11.63 12.41
N PHE A 130 -11.95 11.23 11.14
CA PHE A 130 -11.35 12.11 10.10
C PHE A 130 -12.13 13.43 10.07
N ASN A 131 -11.42 14.57 10.17
CA ASN A 131 -12.06 15.91 10.13
C ASN A 131 -12.62 16.16 8.72
N GLU A 132 -11.97 15.62 7.68
CA GLU A 132 -12.42 15.78 6.28
C GLU A 132 -12.44 14.41 5.59
N VAL A 133 -13.59 14.03 5.04
CA VAL A 133 -13.77 12.74 4.32
C VAL A 133 -14.16 13.09 2.88
N ILE A 134 -13.18 13.00 1.97
CA ILE A 134 -13.31 13.47 0.57
C ILE A 134 -13.24 12.28 -0.39
N GLY A 135 -14.33 12.01 -1.10
CA GLY A 135 -14.39 11.03 -2.19
C GLY A 135 -14.15 9.60 -1.71
N THR A 136 -14.62 9.25 -0.52
CA THR A 136 -14.54 7.84 -0.03
C THR A 136 -15.65 7.02 -0.69
N GLU A 137 -15.50 5.69 -0.74
CA GLU A 137 -16.49 4.82 -1.45
C GLU A 137 -17.82 4.85 -0.68
N SER A 138 -18.92 4.89 -1.44
CA SER A 138 -20.32 4.92 -0.94
C SER A 138 -21.00 3.59 -1.23
N GLU A 139 -20.35 2.73 -2.02
CA GLU A 139 -20.74 1.29 -2.11
C GLU A 139 -19.50 0.45 -2.40
N TYR A 140 -19.66 -0.88 -2.39
CA TYR A 140 -18.58 -1.86 -2.66
C TYR A 140 -17.93 -1.48 -3.99
N ILE A 141 -16.62 -1.25 -3.95
CA ILE A 141 -15.82 -0.72 -5.09
C ILE A 141 -15.75 -1.76 -6.20
N ALA A 142 -15.52 -3.04 -5.85
CA ALA A 142 -15.38 -4.15 -6.81
C ALA A 142 -14.47 -3.71 -7.96
N ASP A 143 -14.96 -3.71 -9.21
CA ASP A 143 -14.16 -3.37 -10.42
C ASP A 143 -14.06 -1.85 -10.61
N GLY A 144 -14.79 -1.07 -9.83
CA GLY A 144 -14.63 0.39 -9.77
C GLY A 144 -15.15 1.11 -11.00
N ASP A 145 -14.98 2.44 -11.01
CA ASP A 145 -15.38 3.34 -12.12
C ASP A 145 -14.50 4.58 -12.02
N TYR A 146 -13.55 4.73 -12.93
CA TYR A 146 -12.52 5.82 -12.87
C TYR A 146 -12.96 7.05 -13.65
N PHE A 147 -14.22 7.10 -14.11
CA PHE A 147 -14.70 8.22 -14.97
C PHE A 147 -15.99 8.81 -14.40
N PHE A 148 -15.99 10.12 -14.14
CA PHE A 148 -17.16 10.88 -13.61
C PHE A 148 -18.31 10.72 -14.60
N PRO A 149 -19.55 10.46 -14.12
CA PRO A 149 -19.85 10.36 -12.70
C PRO A 149 -19.31 9.06 -12.09
N TYR A 150 -18.76 9.14 -10.87
CA TYR A 150 -18.02 8.03 -10.23
C TYR A 150 -19.03 7.14 -9.49
N SER A 151 -19.35 5.98 -10.06
CA SER A 151 -20.50 5.15 -9.62
C SER A 151 -20.28 4.57 -8.21
N LYS A 152 -19.04 4.52 -7.70
CA LYS A 152 -18.76 4.01 -6.32
C LYS A 152 -18.56 5.16 -5.32
N ILE A 153 -18.70 6.43 -5.75
CA ILE A 153 -18.40 7.62 -4.92
C ILE A 153 -19.51 8.68 -5.10
N ALA A 154 -20.58 8.54 -4.32
CA ALA A 154 -21.77 9.43 -4.36
C ALA A 154 -21.38 10.85 -3.98
N SER A 155 -20.50 10.99 -2.97
CA SER A 155 -20.08 12.29 -2.36
C SER A 155 -19.19 13.10 -3.33
N PHE A 156 -18.89 12.58 -4.52
CA PHE A 156 -18.33 13.36 -5.65
C PHE A 156 -19.48 13.70 -6.61
N ASP A 157 -20.49 14.39 -6.06
CA ASP A 157 -21.75 14.81 -6.73
C ASP A 157 -21.44 15.74 -7.91
N LYS A 158 -20.39 16.56 -7.81
CA LYS A 158 -20.00 17.52 -8.87
C LYS A 158 -18.64 17.11 -9.44
N GLY A 159 -18.46 17.32 -10.73
CA GLY A 159 -17.19 17.07 -11.44
C GLY A 159 -17.33 17.38 -12.92
N THR A 160 -16.21 17.49 -13.62
CA THR A 160 -16.15 17.82 -15.08
C THR A 160 -16.51 16.56 -15.88
N ALA A 161 -17.19 16.76 -17.02
CA ALA A 161 -17.50 15.69 -17.99
C ALA A 161 -16.28 14.77 -18.16
N ASN A 162 -16.45 13.48 -17.92
CA ASN A 162 -15.47 12.44 -18.32
C ASN A 162 -14.19 12.59 -17.47
N GLU A 163 -14.28 13.33 -16.36
CA GLU A 163 -13.19 13.59 -15.37
C GLU A 163 -12.61 12.25 -14.90
N TYR A 164 -11.29 12.13 -14.89
CA TYR A 164 -10.56 10.91 -14.48
C TYR A 164 -10.28 10.93 -12.96
N LEU A 165 -10.61 9.83 -12.28
CA LEU A 165 -10.66 9.73 -10.79
C LEU A 165 -9.32 10.13 -10.17
N THR A 166 -8.21 9.55 -10.64
CA THR A 166 -6.87 9.86 -10.08
C THR A 166 -6.62 11.37 -10.14
N ASP A 167 -7.04 12.02 -11.22
CA ASP A 167 -6.84 13.49 -11.44
C ASP A 167 -7.70 14.22 -10.41
N ARG A 168 -8.95 13.79 -10.21
CA ARG A 168 -9.84 14.42 -9.20
C ARG A 168 -9.18 14.24 -7.83
N GLN A 169 -8.73 13.02 -7.52
CA GLN A 169 -8.23 12.68 -6.17
C GLN A 169 -7.09 13.61 -5.81
N CYS A 170 -6.17 13.85 -6.75
CA CYS A 170 -4.94 14.66 -6.52
C CYS A 170 -5.29 16.16 -6.47
N ALA A 171 -6.27 16.62 -7.26
CA ALA A 171 -6.80 18.01 -7.18
C ALA A 171 -7.34 18.28 -5.77
N GLU A 172 -7.99 17.28 -5.15
CA GLU A 172 -8.57 17.40 -3.80
C GLU A 172 -7.45 17.46 -2.76
N ALA A 173 -6.33 16.77 -3.01
CA ALA A 173 -5.14 16.77 -2.13
C ALA A 173 -4.53 18.18 -2.12
N ASN A 174 -4.31 18.78 -3.30
CA ASN A 174 -3.78 20.16 -3.46
C ASN A 174 -4.69 21.14 -2.70
N ALA A 175 -5.99 21.13 -3.01
CA ALA A 175 -7.00 21.98 -2.36
C ALA A 175 -6.86 21.83 -0.83
N PHE A 176 -6.88 20.59 -0.34
CA PHE A 176 -6.79 20.25 1.10
C PHE A 176 -5.55 20.91 1.69
N ILE A 177 -4.44 20.81 0.98
CA ILE A 177 -3.15 21.46 1.35
C ILE A 177 -3.37 22.97 1.47
N THR A 178 -3.83 23.60 0.38
CA THR A 178 -4.07 25.08 0.32
C THR A 178 -4.94 25.52 1.50
N ARG A 179 -6.10 24.87 1.67
CA ARG A 179 -7.10 25.24 2.71
C ARG A 179 -6.50 25.16 4.11
N ASN A 180 -5.64 24.17 4.38
CA ASN A 180 -5.15 23.86 5.76
C ASN A 180 -3.67 24.24 5.93
N ARG A 181 -3.18 25.16 5.09
CA ARG A 181 -1.76 25.61 5.09
C ARG A 181 -1.35 26.15 6.47
N GLU A 182 -2.26 26.79 7.20
CA GLU A 182 -1.91 27.59 8.41
C GLU A 182 -1.57 26.68 9.60
N LYS A 183 -1.97 25.40 9.56
CA LYS A 183 -1.87 24.52 10.74
C LYS A 183 -1.28 23.18 10.33
N PRO A 184 -0.76 22.39 11.28
CA PRO A 184 -0.29 21.04 10.99
C PRO A 184 -1.45 20.21 10.41
N PHE A 185 -1.18 19.36 9.43
CA PHE A 185 -2.23 18.47 8.87
C PHE A 185 -1.66 17.11 8.49
N PHE A 186 -2.51 16.11 8.64
CA PHE A 186 -2.31 14.72 8.16
C PHE A 186 -3.25 14.50 6.98
N LEU A 187 -2.69 14.26 5.79
CA LEU A 187 -3.52 13.93 4.60
C LEU A 187 -3.25 12.47 4.23
N TYR A 188 -4.28 11.64 4.37
CA TYR A 188 -4.30 10.21 3.93
C TYR A 188 -4.84 10.17 2.50
N LEU A 189 -3.96 10.14 1.52
CA LEU A 189 -4.34 10.16 0.09
C LEU A 189 -4.36 8.70 -0.38
N SER A 190 -5.56 8.13 -0.40
CA SER A 190 -5.82 6.70 -0.68
C SER A 190 -6.33 6.58 -2.11
N LEU A 191 -5.44 6.28 -3.04
CA LEU A 191 -5.77 6.21 -4.48
C LEU A 191 -6.58 4.94 -4.72
N TYR A 192 -7.56 5.02 -5.62
CA TYR A 192 -8.31 3.84 -6.10
C TYR A 192 -7.45 3.12 -7.14
N SER A 193 -6.68 3.89 -7.92
CA SER A 193 -5.66 3.35 -8.85
C SER A 193 -4.60 2.60 -8.03
N VAL A 194 -4.08 1.48 -8.54
CA VAL A 194 -4.17 1.07 -9.93
C VAL A 194 -5.07 -0.17 -10.02
N HIS A 195 -6.16 -0.18 -9.24
CA HIS A 195 -7.01 -1.38 -9.05
C HIS A 195 -7.75 -1.69 -10.35
N THR A 196 -7.88 -2.97 -10.67
CA THR A 196 -8.68 -3.47 -11.81
C THR A 196 -10.15 -3.11 -11.52
N ARG A 197 -10.97 -2.90 -12.55
CA ARG A 197 -10.61 -3.02 -13.95
C ARG A 197 -9.77 -1.80 -14.38
N LEU A 198 -8.69 -2.05 -15.12
CA LEU A 198 -7.71 -1.02 -15.56
C LEU A 198 -8.41 -0.03 -16.50
N GLU A 199 -8.34 1.26 -16.21
CA GLU A 199 -8.93 2.34 -17.06
C GLU A 199 -8.13 3.63 -16.88
N ALA A 200 -7.80 4.30 -17.99
CA ALA A 200 -7.02 5.57 -18.02
C ALA A 200 -7.54 6.46 -19.14
N PRO A 201 -7.25 7.79 -19.08
CA PRO A 201 -7.59 8.69 -20.18
C PRO A 201 -7.02 8.22 -21.52
N VAL A 202 -7.67 8.61 -22.62
CA VAL A 202 -7.41 8.11 -24.01
C VAL A 202 -5.98 8.47 -24.42
N GLN A 203 -5.60 9.76 -24.31
CA GLN A 203 -4.26 10.26 -24.72
C GLN A 203 -3.15 9.48 -24.02
N LEU A 204 -3.31 9.15 -22.73
CA LEU A 204 -2.28 8.42 -21.91
C LEU A 204 -2.19 6.97 -22.38
N VAL A 205 -3.32 6.32 -22.61
CA VAL A 205 -3.40 4.93 -23.16
C VAL A 205 -2.67 4.91 -24.50
N GLU A 206 -3.07 5.78 -25.44
CA GLU A 206 -2.45 5.94 -26.78
C GLU A 206 -0.92 6.03 -26.62
N LYS A 207 -0.45 6.98 -25.80
CA LYS A 207 1.00 7.23 -25.57
C LYS A 207 1.72 5.91 -25.31
N TYR A 208 1.20 5.09 -24.39
CA TYR A 208 1.89 3.85 -23.93
C TYR A 208 1.61 2.72 -24.93
N LYS A 209 0.53 2.81 -25.71
CA LYS A 209 0.28 1.90 -26.85
C LYS A 209 1.39 2.09 -27.90
N GLN A 210 1.60 3.35 -28.32
CA GLN A 210 2.66 3.80 -29.27
C GLN A 210 4.05 3.40 -28.74
N LYS A 211 4.28 3.58 -27.43
CA LYS A 211 5.55 3.19 -26.75
C LYS A 211 5.65 1.65 -26.69
N PHE A 212 4.53 0.95 -26.53
CA PHE A 212 4.50 -0.54 -26.57
C PHE A 212 4.92 -1.01 -27.96
N ASP A 213 4.27 -0.47 -29.00
CA ASP A 213 4.50 -0.82 -30.42
C ASP A 213 5.96 -0.56 -30.79
N GLN A 214 6.48 0.63 -30.46
CA GLN A 214 7.88 1.04 -30.73
C GLN A 214 8.85 -0.02 -30.18
N LYS A 215 8.42 -0.86 -29.23
CA LYS A 215 9.28 -1.83 -28.50
C LYS A 215 9.02 -3.26 -29.00
N TYR A 216 7.75 -3.71 -29.05
CA TYR A 216 7.38 -5.10 -29.45
C TYR A 216 6.98 -5.15 -30.92
N GLY A 217 7.03 -4.02 -31.64
CA GLY A 217 6.78 -3.92 -33.10
C GLY A 217 5.39 -3.37 -33.38
N THR A 218 5.17 -2.83 -34.59
CA THR A 218 3.90 -2.18 -35.02
C THR A 218 2.73 -3.17 -34.88
N GLY A 219 1.59 -2.69 -34.35
CA GLY A 219 0.32 -3.44 -34.22
C GLY A 219 0.27 -4.36 -33.00
N LYS A 220 1.36 -4.49 -32.24
CA LYS A 220 1.46 -5.46 -31.12
C LYS A 220 0.61 -4.98 -29.93
N ALA A 221 0.45 -3.66 -29.77
CA ALA A 221 -0.39 -3.06 -28.71
C ALA A 221 -1.84 -3.49 -28.94
N GLU A 222 -2.37 -3.25 -30.14
CA GLU A 222 -3.72 -3.69 -30.56
C GLU A 222 -3.82 -5.22 -30.37
N GLN A 223 -2.78 -5.94 -30.78
CA GLN A 223 -2.67 -7.43 -30.78
C GLN A 223 -2.97 -7.98 -29.36
N PHE A 224 -2.14 -7.64 -28.36
CA PHE A 224 -2.24 -8.17 -26.97
C PHE A 224 -3.31 -7.43 -26.16
N PHE A 225 -3.75 -6.25 -26.62
CA PHE A 225 -4.70 -5.38 -25.89
C PHE A 225 -5.64 -4.70 -26.90
N ALA A 227 -9.42 -4.14 -28.43
CA ALA A 227 -10.86 -4.48 -28.44
C ALA A 227 -11.07 -5.89 -27.91
N ASN A 228 -10.27 -6.85 -28.41
CA ASN A 228 -10.11 -8.23 -27.87
C ASN A 228 -9.97 -8.19 -26.34
N ASN A 229 -9.24 -7.20 -25.82
CA ASN A 229 -8.91 -7.09 -24.37
C ASN A 229 -9.80 -6.02 -23.71
N VAL A 230 -10.93 -6.45 -23.13
CA VAL A 230 -11.90 -5.57 -22.42
C VAL A 230 -11.38 -5.26 -21.00
N ARG A 231 -10.61 -6.20 -20.44
CA ARG A 231 -10.01 -6.08 -19.08
C ARG A 231 -8.55 -5.60 -19.19
N HIS A 232 -8.03 -5.51 -20.42
CA HIS A 232 -6.67 -4.98 -20.73
C HIS A 232 -5.60 -5.73 -19.92
N GLU A 233 -5.56 -7.07 -20.01
CA GLU A 233 -4.66 -7.94 -19.20
C GLU A 233 -3.97 -8.99 -20.09
N SER A 234 -2.69 -9.28 -19.85
CA SER A 234 -1.96 -10.43 -20.46
C SER A 234 -0.78 -10.89 -19.58
N ALA A 235 -0.02 -11.89 -20.04
CA ALA A 235 1.20 -12.44 -19.39
C ALA A 235 2.42 -11.60 -19.79
N GLN A 236 2.23 -10.61 -20.66
CA GLN A 236 3.30 -9.67 -21.11
C GLN A 236 3.50 -8.59 -20.04
N ARG A 237 4.78 -8.38 -19.67
CA ARG A 237 5.25 -7.64 -18.47
C ARG A 237 4.73 -6.19 -18.47
N ASP A 238 4.98 -5.48 -19.57
CA ASP A 238 4.58 -4.06 -19.76
C ASP A 238 3.08 -4.01 -20.07
N ASN A 239 2.35 -3.16 -19.36
CA ASN A 239 0.89 -2.98 -19.56
C ASN A 239 0.61 -1.51 -19.80
N PRO A 240 0.22 -1.12 -21.03
CA PRO A 240 0.04 0.28 -21.38
C PRO A 240 -1.07 0.94 -20.56
N TRP A 241 -2.07 0.15 -20.14
CA TRP A 241 -3.15 0.67 -19.26
C TRP A 241 -2.54 0.97 -17.89
N LEU A 242 -1.84 0.01 -17.29
CA LEU A 242 -1.15 0.19 -15.99
C LEU A 242 -0.19 1.38 -16.09
N ALA A 243 0.68 1.41 -17.11
CA ALA A 243 1.58 2.55 -17.37
C ALA A 243 0.77 3.86 -17.33
N ALA A 244 -0.25 3.98 -18.17
CA ALA A 244 -1.08 5.20 -18.33
C ALA A 244 -1.73 5.61 -16.99
N MET A 245 -2.19 4.63 -16.20
CA MET A 245 -2.77 4.88 -14.85
C MET A 245 -1.66 5.39 -13.94
N LEU A 246 -0.49 4.76 -13.99
CA LEU A 246 0.65 5.12 -13.12
C LEU A 246 1.14 6.52 -13.47
N GLU A 247 1.19 6.88 -14.76
CA GLU A 247 1.57 8.25 -15.17
C GLU A 247 0.61 9.24 -14.51
N SER A 248 -0.69 8.95 -14.53
CA SER A 248 -1.71 9.84 -13.92
C SER A 248 -1.39 10.04 -12.43
N ILE A 249 -0.97 8.97 -11.73
CA ILE A 249 -0.57 9.04 -10.30
C ILE A 249 0.66 9.94 -10.17
N ASP A 250 1.67 9.70 -11.01
CA ASP A 250 2.97 10.44 -11.00
C ASP A 250 2.72 11.94 -11.13
N THR A 251 2.00 12.37 -12.16
CA THR A 251 1.64 13.79 -12.40
C THR A 251 0.99 14.35 -11.13
N GLY A 252 0.07 13.58 -10.52
CA GLY A 252 -0.63 13.96 -9.28
C GLY A 252 0.35 14.22 -8.15
N VAL A 253 1.37 13.38 -8.01
CA VAL A 253 2.44 13.51 -6.99
C VAL A 253 3.23 14.80 -7.27
N GLY A 254 3.54 15.06 -8.55
CA GLY A 254 4.14 16.33 -9.03
C GLY A 254 3.33 17.53 -8.56
N GLY A 255 2.02 17.53 -8.83
CA GLY A 255 1.09 18.63 -8.48
C GLY A 255 1.07 18.90 -6.98
N ILE A 256 1.14 17.85 -6.16
CA ILE A 256 1.25 17.93 -4.68
C ILE A 256 2.60 18.56 -4.34
N MET A 257 3.67 18.11 -4.99
CA MET A 257 5.04 18.64 -4.76
C MET A 257 5.04 20.14 -5.09
N LYS A 258 4.44 20.56 -6.22
CA LYS A 258 4.30 21.99 -6.62
C LYS A 258 3.61 22.78 -5.51
N THR A 259 2.40 22.35 -5.16
CA THR A 259 1.49 23.04 -4.21
C THR A 259 2.26 23.31 -2.91
N LEU A 260 3.07 22.35 -2.43
CA LEU A 260 3.85 22.50 -1.18
C LEU A 260 4.80 23.71 -1.29
N ARG A 261 5.46 23.89 -2.44
CA ARG A 261 6.40 25.03 -2.68
C ARG A 261 5.63 26.34 -2.79
N GLU A 262 4.62 26.40 -3.67
CA GLU A 262 3.79 27.62 -3.90
C GLU A 262 3.21 28.11 -2.57
N THR A 263 2.97 27.20 -1.62
CA THR A 263 2.41 27.53 -0.28
C THR A 263 3.52 27.52 0.78
N GLY A 264 4.75 27.20 0.38
CA GLY A 264 5.93 27.22 1.28
C GLY A 264 5.73 26.27 2.45
N LEU A 265 5.48 25.00 2.16
CA LEU A 265 5.36 23.96 3.21
C LEU A 265 6.37 22.83 2.96
N ALA A 266 6.92 22.74 1.75
CA ALA A 266 7.78 21.61 1.31
C ALA A 266 8.92 21.37 2.32
N GLU A 267 9.28 22.40 3.09
CA GLU A 267 10.43 22.33 4.02
C GLU A 267 10.08 21.45 5.22
N ASN A 268 8.90 21.65 5.82
CA ASN A 268 8.49 20.89 7.02
C ASN A 268 7.24 20.06 6.71
N THR A 269 7.13 19.51 5.51
CA THR A 269 6.05 18.56 5.18
C THR A 269 6.70 17.22 4.80
N ILE A 270 6.31 16.16 5.48
CA ILE A 270 6.80 14.78 5.19
C ILE A 270 5.94 14.19 4.08
N ILE A 271 6.56 13.62 3.04
CA ILE A 271 5.80 12.88 1.98
C ILE A 271 6.22 11.42 2.05
N VAL A 272 5.23 10.52 2.13
CA VAL A 272 5.39 9.06 1.98
C VAL A 272 4.63 8.64 0.72
N PHE A 273 5.25 7.82 -0.13
CA PHE A 273 4.58 7.06 -1.22
C PHE A 273 4.73 5.56 -0.92
N PHE A 274 3.61 4.84 -0.96
CA PHE A 274 3.48 3.41 -0.56
C PHE A 274 2.43 2.77 -1.47
N SER A 275 2.23 1.45 -1.31
CA SER A 275 1.20 0.62 -2.00
C SER A 275 0.68 -0.38 -0.96
N ASP A 276 -0.60 -0.79 -1.01
CA ASP A 276 -1.25 -1.57 0.08
C ASP A 276 -0.94 -3.07 -0.05
N ASN A 277 -0.54 -3.54 -1.22
CA ASN A 277 -0.19 -4.97 -1.43
C ASN A 277 0.54 -5.11 -2.77
N GLY A 278 0.93 -6.33 -3.11
CA GLY A 278 1.69 -6.59 -4.34
C GLY A 278 0.87 -6.35 -5.59
N GLY A 279 1.52 -6.32 -6.74
CA GLY A 279 0.82 -6.14 -8.03
C GLY A 279 -0.08 -7.32 -8.29
N ALA A 280 -1.19 -7.09 -8.98
CA ALA A 280 -2.17 -8.14 -9.34
C ALA A 280 -1.66 -8.91 -10.56
N GLY A 281 -1.79 -10.23 -10.55
CA GLY A 281 -1.31 -11.10 -11.64
C GLY A 281 -1.93 -10.70 -12.97
N LYS A 282 -1.20 -10.93 -14.07
CA LYS A 282 -1.66 -10.60 -15.45
C LYS A 282 -2.09 -9.13 -15.49
N ALA A 283 -1.39 -8.26 -14.77
CA ALA A 283 -1.67 -6.80 -14.72
C ALA A 283 -0.44 -6.07 -14.20
N GLY A 284 0.01 -6.40 -12.99
CA GLY A 284 1.10 -5.68 -12.30
C GLY A 284 2.46 -6.30 -12.53
N ASN A 285 3.51 -5.49 -12.35
CA ASN A 285 4.93 -5.93 -12.46
C ASN A 285 5.53 -5.98 -11.05
N ASN A 286 5.90 -7.17 -10.60
CA ASN A 286 6.58 -7.40 -9.30
C ASN A 286 8.05 -7.72 -9.55
N ALA A 287 8.61 -7.27 -10.69
CA ALA A 287 10.01 -7.54 -11.08
C ALA A 287 10.27 -9.04 -11.04
N HIS A 288 11.34 -9.48 -10.36
CA HIS A 288 11.82 -10.87 -10.27
C HIS A 288 11.22 -11.55 -9.02
N LEU A 289 10.37 -10.85 -8.26
CA LEU A 289 9.75 -11.37 -7.02
C LEU A 289 8.69 -12.42 -7.36
N ARG A 290 8.51 -13.41 -6.49
CA ARG A 290 7.60 -14.55 -6.74
C ARG A 290 6.15 -14.11 -6.50
N ALA A 291 5.24 -14.51 -7.39
CA ALA A 291 3.78 -14.36 -7.25
C ALA A 291 3.39 -12.89 -7.16
N GLY A 292 2.39 -12.58 -6.35
CA GLY A 292 1.87 -11.22 -6.25
C GLY A 292 0.69 -11.16 -5.31
N LYS A 293 -0.22 -10.22 -5.56
CA LYS A 293 -1.38 -9.95 -4.66
C LYS A 293 -2.00 -11.26 -4.19
N THR A 294 -2.30 -11.34 -2.89
CA THR A 294 -2.98 -12.47 -2.19
C THR A 294 -2.00 -13.57 -1.80
N TRP A 295 -0.70 -13.45 -2.11
CA TRP A 295 0.34 -14.42 -1.67
C TRP A 295 1.26 -13.75 -0.65
N LEU A 296 1.77 -14.53 0.30
CA LEU A 296 2.80 -14.08 1.27
C LEU A 296 4.20 -14.25 0.67
N TYR A 297 4.34 -14.78 -0.55
CA TYR A 297 5.61 -14.70 -1.32
C TYR A 297 5.92 -13.21 -1.51
N GLU A 298 7.19 -12.85 -1.74
CA GLU A 298 7.67 -11.45 -1.72
C GLU A 298 6.79 -10.58 -2.64
N GLY A 299 6.35 -11.11 -3.78
CA GLY A 299 5.58 -10.35 -4.79
C GLY A 299 4.24 -9.82 -4.27
N GLY A 300 3.67 -10.45 -3.25
CA GLY A 300 2.37 -10.03 -2.68
C GLY A 300 2.52 -9.02 -1.55
N ILE A 301 3.72 -8.88 -0.97
CA ILE A 301 3.89 -8.06 0.27
C ILE A 301 4.97 -6.97 0.11
N ARG A 302 5.88 -7.09 -0.85
CA ARG A 302 6.96 -6.06 -0.97
C ARG A 302 6.46 -4.89 -1.81
N GLU A 303 6.69 -3.67 -1.31
CA GLU A 303 6.04 -2.43 -1.80
C GLU A 303 7.08 -1.36 -2.05
N PRO A 304 6.86 -0.48 -3.05
CA PRO A 304 7.62 0.76 -3.16
C PRO A 304 7.35 1.56 -1.88
N LEU A 305 8.41 2.17 -1.33
CA LEU A 305 8.32 3.12 -0.19
C LEU A 305 9.37 4.20 -0.39
N ILE A 306 8.92 5.46 -0.50
CA ILE A 306 9.77 6.68 -0.59
C ILE A 306 9.29 7.63 0.50
N VAL A 307 10.18 7.94 1.45
CA VAL A 307 9.95 8.93 2.55
C VAL A 307 10.82 10.16 2.27
N SER A 308 10.18 11.31 2.09
CA SER A 308 10.86 12.61 1.87
C SER A 308 10.55 13.53 3.04
N TRP A 309 11.59 14.10 3.64
CA TRP A 309 11.48 15.18 4.65
C TRP A 309 12.73 16.05 4.53
N PRO A 310 12.68 17.12 3.71
CA PRO A 310 13.87 17.91 3.40
C PRO A 310 14.61 18.37 4.66
N GLY A 311 15.92 18.09 4.68
CA GLY A 311 16.86 18.46 5.75
C GLY A 311 17.00 17.35 6.76
N LYS A 312 15.86 16.83 7.23
CA LYS A 312 15.76 15.79 8.29
C LYS A 312 16.15 14.44 7.70
N ILE A 313 15.76 14.16 6.45
CA ILE A 313 16.08 12.88 5.72
C ILE A 313 16.99 13.21 4.53
N LYS A 314 18.13 12.51 4.46
CA LYS A 314 19.16 12.74 3.42
C LYS A 314 18.58 12.32 2.06
N GLY A 315 18.69 13.18 1.06
CA GLY A 315 18.13 12.92 -0.28
C GLY A 315 18.91 11.84 -1.02
N ASN A 316 18.21 11.14 -1.92
CA ASN A 316 18.78 10.15 -2.88
C ASN A 316 19.47 8.98 -2.16
N THR A 317 19.00 8.66 -0.95
CA THR A 317 19.49 7.50 -0.17
C THR A 317 18.65 6.26 -0.48
N VAL A 318 19.29 5.08 -0.44
CA VAL A 318 18.65 3.75 -0.61
C VAL A 318 18.81 3.01 0.73
N ASN A 319 17.72 2.50 1.30
CA ASN A 319 17.73 1.76 2.60
C ASN A 319 17.28 0.31 2.36
N ASP A 320 18.10 -0.65 2.79
CA ASP A 320 17.94 -2.10 2.52
C ASP A 320 17.39 -2.81 3.76
N ASN A 321 17.13 -2.09 4.84
CA ASN A 321 16.62 -2.72 6.09
C ASN A 321 15.13 -3.02 5.93
N PRO A 322 14.68 -4.25 6.28
CA PRO A 322 13.26 -4.57 6.35
C PRO A 322 12.43 -3.53 7.14
N VAL A 323 11.36 -3.01 6.52
CA VAL A 323 10.31 -2.24 7.26
C VAL A 323 8.94 -2.69 6.77
N THR A 324 7.87 -2.33 7.48
CA THR A 324 6.47 -2.73 7.18
C THR A 324 5.49 -1.58 7.45
N SER A 325 4.28 -1.74 6.95
CA SER A 325 3.16 -0.76 7.10
C SER A 325 2.81 -0.53 8.58
N LEU A 326 3.21 -1.43 9.49
CA LEU A 326 2.97 -1.26 10.96
C LEU A 326 3.76 -0.07 11.51
N ASP A 327 4.80 0.37 10.80
CA ASP A 327 5.84 1.29 11.30
C ASP A 327 5.40 2.75 11.15
N PHE A 328 4.42 3.01 10.28
CA PHE A 328 3.96 4.40 9.95
C PHE A 328 3.40 5.09 11.19
N TYR A 329 2.54 4.39 11.95
CA TYR A 329 1.83 4.91 13.15
C TYR A 329 2.86 5.44 14.16
N PRO A 330 3.79 4.63 14.71
CA PRO A 330 4.76 5.16 15.67
C PRO A 330 5.73 6.19 15.07
N THR A 331 6.00 6.08 13.76
CA THR A 331 6.92 7.01 13.04
C THR A 331 6.25 8.39 12.95
N PHE A 332 4.98 8.47 12.56
CA PHE A 332 4.26 9.77 12.44
C PHE A 332 4.04 10.40 13.83
N LEU A 333 3.93 9.56 14.86
CA LEU A 333 3.66 10.02 16.25
C LEU A 333 4.94 10.61 16.85
N ALA A 334 6.09 10.03 16.55
CA ALA A 334 7.40 10.62 16.90
C ALA A 334 7.54 11.95 16.15
N ALA A 335 7.26 11.96 14.84
CA ALA A 335 7.40 13.16 13.99
C ALA A 335 6.50 14.28 14.51
N ALA A 336 5.39 13.94 15.19
CA ALA A 336 4.39 14.90 15.67
C ALA A 336 4.53 15.16 17.18
N GLY A 337 5.51 14.52 17.83
CA GLY A 337 5.79 14.74 19.27
C GLY A 337 4.74 14.15 20.20
N GLY A 338 4.28 12.92 19.94
CA GLY A 338 3.25 12.24 20.75
C GLY A 338 3.72 10.89 21.25
N LYS A 339 3.11 10.37 22.31
CA LYS A 339 3.42 9.02 22.86
C LYS A 339 2.21 8.10 22.67
N PRO A 340 2.42 6.77 22.56
CA PRO A 340 1.31 5.82 22.33
C PRO A 340 0.33 5.75 23.50
N THR A 341 -0.77 6.51 23.43
CA THR A 341 -1.67 6.76 24.59
C THR A 341 -2.57 5.54 24.81
N GLY A 342 -2.17 4.65 25.73
CA GLY A 342 -2.91 3.40 26.01
C GLY A 342 -2.70 2.37 24.91
N GLY A 343 -3.23 2.62 23.70
CA GLY A 343 -3.21 1.66 22.59
C GLY A 343 -1.84 1.03 22.40
N ARG A 344 -1.79 -0.31 22.31
CA ARG A 344 -0.49 -1.03 22.09
C ARG A 344 -0.14 -0.97 20.60
N LEU A 345 1.15 -0.94 20.27
CA LEU A 345 1.63 -0.83 18.87
C LEU A 345 2.58 -2.00 18.56
N ASP A 346 2.45 -2.57 17.36
CA ASP A 346 3.17 -3.79 16.89
C ASP A 346 4.31 -3.38 15.95
N GLY A 347 4.37 -2.11 15.54
CA GLY A 347 5.46 -1.57 14.71
C GLY A 347 6.50 -0.83 15.54
N HIS A 348 7.39 -0.14 14.84
CA HIS A 348 8.59 0.53 15.42
C HIS A 348 8.75 1.87 14.73
N ASN A 349 9.11 2.88 15.52
CA ASN A 349 9.49 4.23 15.02
C ASN A 349 10.71 4.09 14.10
N LEU A 350 10.60 4.64 12.88
CA LEU A 350 11.64 4.55 11.81
C LEU A 350 12.48 5.84 11.75
N MET A 351 12.13 6.88 12.52
CA MET A 351 12.87 8.17 12.50
C MET A 351 14.37 7.90 12.62
N PRO A 352 14.84 7.07 13.58
CA PRO A 352 16.26 6.73 13.66
C PRO A 352 16.88 6.19 12.37
N LEU A 353 16.13 5.32 11.69
CA LEU A 353 16.57 4.65 10.45
C LEU A 353 16.54 5.67 9.30
N LEU A 354 15.54 6.55 9.32
CA LEU A 354 15.32 7.63 8.32
C LEU A 354 16.46 8.66 8.40
N ARG A 355 17.07 8.82 9.57
CA ARG A 355 18.08 9.86 9.86
C ARG A 355 19.51 9.29 9.69
N GLY A 356 19.66 8.03 9.27
CA GLY A 356 20.97 7.40 9.01
C GLY A 356 21.27 6.22 9.92
N GLY A 357 20.53 6.07 11.04
CA GLY A 357 20.78 5.05 12.08
C GLY A 357 20.73 3.63 11.56
N ARG A 358 21.19 2.67 12.35
CA ARG A 358 21.21 1.21 11.99
C ARG A 358 19.90 0.54 12.42
N ALA A 359 19.61 -0.65 11.85
CA ALA A 359 18.37 -1.43 12.08
C ALA A 359 18.59 -2.45 13.21
N SER A 360 17.53 -2.79 13.94
CA SER A 360 17.61 -3.72 15.11
C SER A 360 17.45 -5.17 14.67
N GLY A 361 16.98 -5.42 13.45
CA GLY A 361 16.70 -6.77 12.91
C GLY A 361 15.64 -7.53 13.71
N ARG A 362 14.61 -6.84 14.23
CA ARG A 362 13.48 -7.52 14.92
C ARG A 362 12.68 -8.32 13.89
N PRO A 363 12.24 -9.55 14.22
CA PRO A 363 11.45 -10.38 13.30
C PRO A 363 10.12 -9.72 12.86
N LEU A 364 9.70 -10.05 11.64
CA LEU A 364 8.46 -9.52 11.00
C LEU A 364 7.54 -10.70 10.71
N PHE A 365 6.24 -10.50 10.78
CA PHE A 365 5.24 -11.59 10.75
C PHE A 365 4.10 -11.26 9.81
N TRP A 366 3.58 -12.29 9.16
CA TRP A 366 2.37 -12.25 8.31
C TRP A 366 1.52 -13.48 8.59
N HIS A 367 0.20 -13.32 8.54
CA HIS A 367 -0.78 -14.43 8.63
C HIS A 367 -1.87 -14.23 7.58
N TYR A 368 -2.01 -15.16 6.63
CA TYR A 368 -3.06 -15.14 5.59
C TYR A 368 -3.85 -16.45 5.58
N PRO A 369 -4.92 -16.57 6.40
CA PRO A 369 -5.84 -17.71 6.32
C PRO A 369 -6.90 -17.54 5.22
N SER A 370 -6.82 -16.46 4.44
CA SER A 370 -7.73 -16.14 3.30
C SER A 370 -9.20 -16.37 3.70
N GLU A 371 -9.66 -15.73 4.77
CA GLU A 371 -11.07 -15.87 5.24
C GLU A 371 -12.05 -15.42 4.16
N THR A 372 -11.67 -14.52 3.23
CA THR A 372 -12.60 -13.95 2.23
C THR A 372 -12.35 -14.56 0.84
N GLY A 373 -11.12 -14.51 0.31
CA GLY A 373 -10.79 -15.10 -1.00
C GLY A 373 -10.96 -16.62 -1.01
N LYS A 374 -10.77 -17.24 0.15
CA LYS A 374 -10.73 -18.72 0.33
C LYS A 374 -9.68 -19.36 -0.59
N TRP A 375 -8.54 -18.68 -0.84
CA TRP A 375 -7.47 -19.22 -1.73
C TRP A 375 -6.67 -20.28 -0.96
N VAL A 376 -7.05 -21.54 -1.09
CA VAL A 376 -6.52 -22.63 -0.22
C VAL A 376 -5.00 -22.80 -0.42
N ASN A 377 -4.50 -22.68 -1.65
CA ASN A 377 -3.05 -22.85 -1.96
C ASN A 377 -2.25 -21.65 -1.46
N ARG A 378 -2.89 -20.49 -1.25
CA ARG A 378 -2.22 -19.25 -0.79
C ARG A 378 -2.30 -19.11 0.73
N MET A 379 -3.07 -20.00 1.38
CA MET A 379 -3.27 -19.96 2.86
C MET A 379 -1.95 -20.31 3.53
N SER A 380 -1.44 -19.38 4.32
CA SER A 380 -0.07 -19.45 4.88
C SER A 380 0.12 -18.42 5.98
N SER A 381 1.22 -18.60 6.71
CA SER A 381 1.79 -17.67 7.72
C SER A 381 3.29 -17.54 7.39
N ALA A 382 3.94 -16.44 7.75
CA ALA A 382 5.36 -16.22 7.41
C ALA A 382 6.05 -15.38 8.49
N VAL A 383 7.34 -15.64 8.68
CA VAL A 383 8.23 -14.82 9.54
C VAL A 383 9.47 -14.45 8.74
N ARG A 384 9.90 -13.20 8.83
CA ARG A 384 11.23 -12.79 8.32
C ARG A 384 12.11 -12.34 9.49
N GLU A 385 13.32 -12.90 9.58
CA GLU A 385 14.38 -12.40 10.48
C GLU A 385 15.69 -12.36 9.70
N GLY A 386 16.26 -11.15 9.60
CA GLY A 386 17.42 -10.86 8.74
C GLY A 386 17.08 -11.14 7.29
N ASN A 387 17.76 -12.12 6.70
CA ASN A 387 17.67 -12.49 5.27
C ASN A 387 16.88 -13.78 5.15
N TYR A 388 16.60 -14.41 6.29
CA TYR A 388 15.82 -15.68 6.33
C TYR A 388 14.33 -15.36 6.44
N LYS A 389 13.54 -16.07 5.63
CA LYS A 389 12.05 -16.01 5.56
C LYS A 389 11.50 -17.44 5.56
N LEU A 390 10.73 -17.79 6.59
CA LEU A 390 9.98 -19.07 6.70
C LEU A 390 8.51 -18.81 6.36
N LEU A 391 7.97 -19.52 5.37
CA LEU A 391 6.52 -19.57 5.09
C LEU A 391 6.02 -20.93 5.53
N GLU A 392 4.90 -20.96 6.25
CA GLU A 392 4.18 -22.20 6.63
C GLU A 392 2.91 -22.24 5.80
N PHE A 393 2.75 -23.27 4.95
CA PHE A 393 1.54 -23.51 4.11
C PHE A 393 0.66 -24.57 4.76
N TYR A 394 -0.67 -24.49 4.60
CA TYR A 394 -1.67 -25.27 5.37
C TYR A 394 -2.42 -26.28 4.49
N ASN A 395 -2.76 -25.89 3.26
CA ASN A 395 -3.19 -26.85 2.21
C ASN A 395 -1.91 -27.45 1.64
N ASN A 396 -1.80 -28.78 1.56
CA ASN A 396 -0.47 -29.39 1.28
C ASN A 396 0.47 -28.88 2.37
N PRO A 397 0.25 -29.29 3.65
CA PRO A 397 1.03 -28.80 4.78
C PRO A 397 2.55 -28.94 4.58
N ARG A 398 3.31 -27.88 4.86
CA ARG A 398 4.77 -27.85 4.53
C ARG A 398 5.39 -26.54 5.04
N LEU A 399 6.71 -26.55 5.18
CA LEU A 399 7.49 -25.35 5.55
C LEU A 399 8.42 -25.02 4.38
N GLU A 400 8.54 -23.73 4.05
CA GLU A 400 9.46 -23.27 2.99
C GLU A 400 10.40 -22.23 3.59
N LEU A 401 11.70 -22.36 3.31
CA LEU A 401 12.74 -21.43 3.82
C LEU A 401 13.48 -20.79 2.65
N TYR A 402 13.54 -19.46 2.62
CA TYR A 402 14.32 -18.72 1.59
C TYR A 402 15.31 -17.77 2.27
N ASP A 403 16.47 -17.63 1.63
CA ASP A 403 17.47 -16.59 1.87
C ASP A 403 17.23 -15.48 0.83
N LEU A 404 16.58 -14.40 1.26
CA LEU A 404 16.15 -13.28 0.38
C LEU A 404 17.34 -12.46 -0.12
N GLN A 405 18.53 -12.68 0.43
CA GLN A 405 19.77 -11.99 -0.03
C GLN A 405 20.28 -12.67 -1.30
N ASN A 406 20.45 -13.99 -1.24
CA ASN A 406 20.95 -14.82 -2.37
C ASN A 406 19.81 -15.26 -3.29
N ASP A 407 18.56 -15.19 -2.80
CA ASP A 407 17.38 -15.78 -3.48
C ASP A 407 16.17 -14.87 -3.24
N PRO A 408 16.19 -13.62 -3.74
CA PRO A 408 15.06 -12.71 -3.58
C PRO A 408 13.79 -13.16 -4.30
N SER A 409 13.91 -14.03 -5.32
CA SER A 409 12.77 -14.57 -6.11
C SER A 409 12.18 -15.81 -5.43
N GLU A 410 12.72 -16.25 -4.30
CA GLU A 410 12.19 -17.39 -3.49
C GLU A 410 12.02 -18.60 -4.41
N SER A 411 13.07 -18.94 -5.17
CA SER A 411 13.09 -20.05 -6.15
C SER A 411 13.73 -21.31 -5.57
N HIS A 412 14.50 -21.19 -4.48
CA HIS A 412 15.28 -22.32 -3.88
C HIS A 412 14.93 -22.48 -2.41
N ASN A 413 14.04 -23.43 -2.12
CA ASN A 413 13.57 -23.80 -0.76
C ASN A 413 14.73 -24.45 0.01
N LEU A 414 15.08 -23.89 1.17
CA LEU A 414 16.23 -24.35 1.99
C LEU A 414 15.79 -25.23 3.16
N ALA A 415 14.47 -25.40 3.40
CA ALA A 415 13.96 -25.88 4.71
C ALA A 415 14.71 -27.14 5.14
N THR A 416 14.81 -28.16 4.28
CA THR A 416 15.45 -29.47 4.61
C THR A 416 16.99 -29.31 4.67
N ASP A 417 17.55 -28.36 3.92
CA ASP A 417 19.02 -28.15 3.83
C ASP A 417 19.53 -27.31 5.01
N ARG A 418 18.64 -26.59 5.70
CA ARG A 418 19.01 -25.76 6.88
C ARG A 418 17.96 -25.97 7.97
N PRO A 419 17.90 -27.18 8.59
CA PRO A 419 16.88 -27.52 9.59
C PRO A 419 16.91 -26.76 10.92
N ALA A 420 18.09 -26.36 11.37
CA ALA A 420 18.26 -25.60 12.64
C ALA A 420 17.61 -24.22 12.50
N GLU A 421 17.78 -23.57 11.35
CA GLU A 421 17.22 -22.22 11.07
C GLU A 421 15.72 -22.37 10.86
N THR A 422 15.33 -23.40 10.13
CA THR A 422 13.91 -23.76 9.92
C THR A 422 13.23 -23.85 11.29
N ALA A 423 13.77 -24.68 12.19
CA ALA A 423 13.19 -24.98 13.53
C ALA A 423 13.10 -23.69 14.34
N ARG A 424 14.08 -22.80 14.15
CA ARG A 424 14.21 -21.57 14.97
C ARG A 424 13.14 -20.56 14.53
N LEU A 425 12.95 -20.41 13.22
CA LEU A 425 11.93 -19.48 12.68
C LEU A 425 10.52 -20.05 12.91
N LYS A 426 10.37 -21.38 12.88
CA LYS A 426 9.07 -22.05 13.17
C LYS A 426 8.65 -21.70 14.61
N LYS A 427 9.60 -21.73 15.54
CA LYS A 427 9.36 -21.43 16.97
C LYS A 427 8.83 -19.99 17.08
N LEU A 428 9.54 -19.03 16.48
CA LEU A 428 9.17 -17.58 16.52
C LEU A 428 7.77 -17.40 15.93
N LEU A 429 7.49 -18.14 14.86
CA LEU A 429 6.22 -18.04 14.09
C LEU A 429 5.07 -18.63 14.92
N GLU A 430 5.23 -19.85 15.44
CA GLU A 430 4.22 -20.48 16.32
C GLU A 430 4.00 -19.61 17.56
N ASP A 431 5.05 -19.09 18.20
CA ASP A 431 4.87 -18.30 19.44
C ASP A 431 4.06 -17.05 19.07
N TRP A 432 4.37 -16.46 17.92
CA TRP A 432 3.65 -15.24 17.45
C TRP A 432 2.17 -15.57 17.23
N LYS A 433 1.89 -16.68 16.56
CA LYS A 433 0.50 -17.09 16.21
C LYS A 433 -0.35 -17.19 17.48
N LYS A 434 0.23 -17.65 18.59
CA LYS A 434 -0.47 -17.75 19.90
C LYS A 434 -0.68 -16.34 20.45
N GLU A 435 0.37 -15.50 20.43
CA GLU A 435 0.35 -14.10 20.95
C GLU A 435 -0.82 -13.33 20.32
N VAL A 436 -1.02 -13.44 19.00
CA VAL A 436 -2.01 -12.62 18.24
C VAL A 436 -3.32 -13.39 18.06
N ASN A 437 -3.39 -14.63 18.57
CA ASN A 437 -4.55 -15.55 18.46
C ASN A 437 -4.92 -15.70 16.98
N ALA A 438 -3.94 -16.13 16.18
CA ALA A 438 -4.02 -16.25 14.71
C ALA A 438 -5.16 -17.20 14.33
N GLU A 439 -6.14 -16.67 13.58
CA GLU A 439 -7.29 -17.41 13.01
C GLU A 439 -6.83 -18.62 12.20
N ALA A 440 -7.33 -19.82 12.52
CA ALA A 440 -7.09 -21.05 11.74
C ALA A 440 -7.56 -20.84 10.31
N PRO A 441 -6.82 -21.37 9.31
CA PRO A 441 -7.24 -21.27 7.92
C PRO A 441 -8.51 -22.10 7.64
N HIS A 442 -9.21 -21.73 6.57
CA HIS A 442 -10.56 -22.21 6.18
C HIS A 442 -10.40 -23.39 5.21
N LEU A 443 -10.34 -24.62 5.73
CA LEU A 443 -10.08 -25.87 4.94
C LEU A 443 -11.09 -26.97 5.33
N ALA A 444 -11.04 -28.12 4.66
CA ALA A 444 -11.95 -29.28 4.86
C ALA A 444 -11.98 -29.66 6.34
C1 CIT B . -10.83 -7.39 -6.36
O1 CIT B . -11.97 -7.01 -6.01
O2 CIT B . -10.59 -8.02 -7.41
C2 CIT B . -9.66 -7.06 -5.46
C3 CIT B . -9.86 -7.44 -3.98
O7 CIT B . -11.25 -7.50 -3.75
C4 CIT B . -9.21 -8.81 -3.67
C5 CIT B . -9.08 -9.79 -4.82
O3 CIT B . -10.11 -10.30 -5.31
O4 CIT B . -7.93 -10.08 -5.22
C6 CIT B . -9.24 -6.36 -3.03
O5 CIT B . -9.45 -6.51 -1.83
O6 CIT B . -8.59 -5.42 -3.51
NA NA C . -18.61 6.58 -14.81
NA NA D . -11.08 5.10 17.36
CL CL E . -4.00 -20.61 -6.36
CL CL F . -13.76 -21.01 8.88
CA CA G . -4.88 -3.41 -2.85
#